data_2ZAM
#
_entry.id   2ZAM
#
_cell.length_a   80.631
_cell.length_b   80.631
_cell.length_c   135.521
_cell.angle_alpha   90.00
_cell.angle_beta   90.00
_cell.angle_gamma   120.00
#
_symmetry.space_group_name_H-M   'P 65'
#
_entity_poly.entity_id   1
_entity_poly.type   'polypeptide(L)'
_entity_poly.pdbx_seq_one_letter_code
;MASTNTNLQKAIDLASKAAQEDKAGNYEEALQLYQHAVQYFLHVVKYEAQGDKAKQSIRAKCTEYLDRAEKLKEYLKKKE
KKPQKPVKEEQSGPVDEKGNDSDGEAESDDPEKKKLQNQLQGAIVIERPNVKWSDVAGLEGAKEALKEAVILPIKFPHLF
TGKRTPWRGILLFGPPGTGKSYLAKAVATEANNSTFFSISSSDLVSKWLGESEKLVKNLFQLARENKPSIIFIDEIDSLC
GSRSENESEAARRIKTEFLVQMQGVGVDNDGILVLGATNIPWVLDSAIRRRFEKRIYIPLPEAHARAAMFRLHLGSTQNS
LTEADFQELGRKTDGYSGADISIIVRDALMQPVRKVQSATHFKKVRGPSRADPNCIVNDLLTPCSPGDPGAIEMTWMDVP
GDKLLEPVVSMWDMLRSLSSTKPTVNEQDLLKLKKFTEDFGQEG
;
_entity_poly.pdbx_strand_id   A
#
# COMPACT_ATOMS: atom_id res chain seq x y z
N ALA A 123 2.01 -18.14 11.61
CA ALA A 123 3.43 -17.69 11.39
C ALA A 123 3.71 -17.23 9.94
N ILE A 124 3.49 -18.15 9.00
CA ILE A 124 3.70 -17.89 7.58
C ILE A 124 2.37 -17.68 6.90
N VAL A 125 2.13 -16.50 6.35
CA VAL A 125 0.86 -16.27 5.67
C VAL A 125 0.89 -17.09 4.39
N ILE A 126 -0.22 -17.72 4.05
CA ILE A 126 -0.21 -18.56 2.87
C ILE A 126 -1.28 -18.28 1.80
N GLU A 127 -1.72 -17.03 1.64
CA GLU A 127 -2.77 -16.78 0.67
C GLU A 127 -2.50 -17.06 -0.81
N ARG A 128 -3.57 -17.47 -1.49
CA ARG A 128 -3.60 -17.71 -2.94
C ARG A 128 -4.58 -16.61 -3.34
N PRO A 129 -4.05 -15.40 -3.51
CA PRO A 129 -4.61 -14.10 -3.87
C PRO A 129 -5.31 -13.86 -5.19
N ASN A 130 -5.77 -12.61 -5.33
CA ASN A 130 -6.46 -12.12 -6.52
C ASN A 130 -6.30 -10.59 -6.64
N VAL A 131 -5.28 -10.19 -7.40
CA VAL A 131 -4.95 -8.80 -7.64
C VAL A 131 -4.49 -8.62 -9.09
N LYS A 132 -5.42 -8.28 -9.97
CA LYS A 132 -5.09 -8.08 -11.38
C LYS A 132 -4.08 -6.94 -11.45
N TRP A 133 -3.43 -6.77 -12.60
CA TRP A 133 -2.47 -5.68 -12.74
C TRP A 133 -3.19 -4.38 -12.42
N SER A 134 -4.35 -4.22 -13.06
CA SER A 134 -5.21 -3.04 -12.94
C SER A 134 -5.52 -2.63 -11.51
N ASP A 135 -5.52 -3.59 -10.59
CA ASP A 135 -5.80 -3.31 -9.19
C ASP A 135 -4.67 -2.43 -8.69
N VAL A 136 -3.49 -2.67 -9.21
CA VAL A 136 -2.36 -1.90 -8.79
C VAL A 136 -2.41 -0.52 -9.44
N ALA A 137 -2.45 0.53 -8.63
CA ALA A 137 -2.52 1.86 -9.20
C ALA A 137 -1.22 2.31 -9.89
N GLY A 138 -1.23 2.25 -11.23
CA GLY A 138 -0.11 2.68 -12.06
C GLY A 138 1.08 1.79 -12.35
N LEU A 139 2.21 2.20 -11.76
CA LEU A 139 3.54 1.56 -11.84
C LEU A 139 3.79 0.68 -13.05
N GLU A 140 3.14 1.00 -14.16
CA GLU A 140 3.29 0.26 -15.41
C GLU A 140 4.76 0.18 -15.78
N GLY A 141 5.49 1.26 -15.55
CA GLY A 141 6.90 1.27 -15.86
C GLY A 141 7.63 0.18 -15.09
N ALA A 142 7.02 -0.25 -13.99
CA ALA A 142 7.58 -1.29 -13.15
C ALA A 142 6.90 -2.57 -13.56
N LYS A 143 5.58 -2.49 -13.60
CA LYS A 143 4.74 -3.59 -14.00
C LYS A 143 5.31 -4.17 -15.27
N GLU A 144 5.74 -3.30 -16.19
CA GLU A 144 6.31 -3.78 -17.42
C GLU A 144 7.56 -4.55 -16.99
N ALA A 145 8.43 -3.90 -16.22
CA ALA A 145 9.66 -4.52 -15.73
C ALA A 145 9.41 -5.89 -15.09
N LEU A 146 8.27 -6.01 -14.41
CA LEU A 146 7.92 -7.29 -13.80
C LEU A 146 7.49 -8.22 -14.93
N LYS A 147 6.43 -7.84 -15.65
CA LYS A 147 5.96 -8.66 -16.73
C LYS A 147 7.18 -9.25 -17.42
N GLU A 148 8.10 -8.44 -17.88
CA GLU A 148 9.29 -9.00 -18.51
C GLU A 148 9.92 -10.14 -17.70
N ALA A 149 10.51 -9.80 -16.57
CA ALA A 149 11.20 -10.80 -15.73
C ALA A 149 10.44 -12.03 -15.25
N VAL A 150 9.14 -12.05 -15.40
CA VAL A 150 8.46 -13.20 -14.87
C VAL A 150 7.48 -13.87 -15.80
N ILE A 151 6.43 -13.13 -16.16
CA ILE A 151 5.41 -13.66 -17.03
C ILE A 151 5.89 -14.19 -18.37
N LEU A 152 6.68 -13.41 -19.10
CA LEU A 152 7.16 -13.88 -20.37
C LEU A 152 7.74 -15.25 -20.21
N PRO A 153 8.67 -15.39 -19.25
CA PRO A 153 9.30 -16.69 -18.99
C PRO A 153 8.26 -17.75 -18.75
N ILE A 154 7.11 -17.32 -18.22
CA ILE A 154 6.03 -18.24 -17.95
C ILE A 154 5.20 -18.54 -19.18
N LYS A 155 4.74 -17.49 -19.83
CA LYS A 155 3.91 -17.64 -21.01
C LYS A 155 4.62 -18.37 -22.15
N PHE A 156 5.92 -18.10 -22.34
CA PHE A 156 6.70 -18.73 -23.40
C PHE A 156 7.94 -19.38 -22.91
N PRO A 157 7.79 -20.51 -22.25
CA PRO A 157 8.89 -21.28 -21.69
C PRO A 157 9.89 -21.75 -22.74
N HIS A 158 9.41 -21.89 -23.98
CA HIS A 158 10.24 -22.33 -25.13
C HIS A 158 11.01 -21.17 -25.74
N LEU A 159 11.12 -20.08 -24.97
CA LEU A 159 11.79 -18.85 -25.37
C LEU A 159 12.76 -18.41 -24.24
N PHE A 160 13.02 -19.32 -23.32
CA PHE A 160 13.90 -19.04 -22.20
C PHE A 160 14.77 -20.22 -21.76
N THR A 161 15.72 -20.61 -22.60
CA THR A 161 16.61 -21.70 -22.23
C THR A 161 17.75 -21.76 -23.22
N GLY A 162 18.83 -22.46 -22.84
CA GLY A 162 19.99 -22.62 -23.72
C GLY A 162 21.29 -22.00 -23.22
N LYS A 163 21.15 -20.91 -22.46
CA LYS A 163 22.25 -20.14 -21.87
C LYS A 163 21.65 -18.97 -21.07
N ARG A 164 20.35 -18.75 -21.22
CA ARG A 164 19.63 -17.70 -20.49
C ARG A 164 18.68 -18.39 -19.52
N THR A 165 18.46 -17.77 -18.37
CA THR A 165 17.59 -18.32 -17.33
C THR A 165 16.71 -17.25 -16.67
N PRO A 166 15.53 -17.65 -16.20
CA PRO A 166 14.58 -16.73 -15.54
C PRO A 166 15.23 -16.33 -14.20
N TRP A 167 15.02 -15.11 -13.76
CA TRP A 167 15.61 -14.65 -12.52
C TRP A 167 14.79 -15.10 -11.33
N ARG A 168 15.32 -16.05 -10.56
CA ARG A 168 14.56 -16.55 -9.42
C ARG A 168 14.42 -15.57 -8.27
N GLY A 169 15.43 -14.73 -8.07
CA GLY A 169 15.36 -13.76 -7.00
C GLY A 169 15.20 -12.37 -7.57
N ILE A 170 14.14 -11.69 -7.18
CA ILE A 170 13.93 -10.36 -7.67
C ILE A 170 13.66 -9.45 -6.51
N LEU A 171 14.21 -8.24 -6.60
CA LEU A 171 14.06 -7.28 -5.53
C LEU A 171 13.23 -6.04 -5.79
N LEU A 172 12.33 -5.80 -4.86
CA LEU A 172 11.44 -4.67 -4.87
C LEU A 172 11.97 -3.61 -3.93
N PHE A 173 12.42 -2.50 -4.47
CA PHE A 173 12.96 -1.45 -3.63
C PHE A 173 12.57 -0.06 -4.09
N GLY A 174 12.24 0.78 -3.11
CA GLY A 174 11.85 2.15 -3.37
C GLY A 174 11.45 2.82 -2.07
N PRO A 175 11.03 4.09 -2.10
CA PRO A 175 10.59 4.90 -0.97
C PRO A 175 9.51 4.24 -0.13
N PRO A 176 9.46 4.56 1.17
CA PRO A 176 8.49 4.01 2.11
C PRO A 176 7.11 4.52 1.90
N GLY A 177 6.16 3.63 2.14
CA GLY A 177 4.75 3.96 1.97
C GLY A 177 4.28 3.82 0.53
N THR A 178 5.15 3.36 -0.36
CA THR A 178 4.80 3.21 -1.75
C THR A 178 3.97 1.95 -1.92
N GLY A 179 3.70 1.28 -0.81
CA GLY A 179 2.89 0.07 -0.84
C GLY A 179 3.34 -0.98 -1.86
N LYS A 180 4.58 -1.45 -1.66
CA LYS A 180 5.26 -2.47 -2.47
C LYS A 180 4.54 -3.80 -2.17
N SER A 181 4.32 -4.05 -0.87
CA SER A 181 3.63 -5.22 -0.39
C SER A 181 2.59 -5.75 -1.34
N TYR A 182 1.55 -4.94 -1.52
CA TYR A 182 0.39 -5.21 -2.40
C TYR A 182 0.80 -5.62 -3.78
N LEU A 183 1.69 -4.82 -4.34
CA LEU A 183 2.18 -5.06 -5.65
C LEU A 183 2.58 -6.51 -5.78
N ALA A 184 3.30 -7.01 -4.80
CA ALA A 184 3.75 -8.40 -4.82
C ALA A 184 2.63 -9.34 -5.21
N LYS A 185 1.54 -9.30 -4.45
CA LYS A 185 0.39 -10.15 -4.71
C LYS A 185 -0.07 -10.06 -6.16
N ALA A 186 -0.10 -8.86 -6.71
CA ALA A 186 -0.52 -8.70 -8.10
C ALA A 186 0.28 -9.65 -8.99
N VAL A 187 1.57 -9.79 -8.71
CA VAL A 187 2.40 -10.68 -9.53
C VAL A 187 1.94 -12.12 -9.38
N ALA A 188 1.96 -12.61 -8.14
CA ALA A 188 1.53 -13.96 -7.83
C ALA A 188 0.18 -14.26 -8.46
N THR A 189 -0.60 -13.22 -8.75
CA THR A 189 -1.91 -13.44 -9.37
C THR A 189 -1.80 -13.50 -10.88
N GLU A 190 -1.39 -12.39 -11.48
CA GLU A 190 -1.29 -12.36 -12.92
C GLU A 190 -0.34 -13.42 -13.43
N ALA A 191 0.36 -14.12 -12.53
CA ALA A 191 1.33 -15.17 -12.90
C ALA A 191 0.87 -16.61 -12.64
N ASN A 192 0.14 -17.16 -13.61
CA ASN A 192 -0.38 -18.53 -13.59
C ASN A 192 -1.23 -18.78 -12.35
N ASN A 193 -1.23 -17.81 -11.45
CA ASN A 193 -1.99 -17.88 -10.20
C ASN A 193 -1.20 -18.66 -9.18
N SER A 194 0.03 -18.24 -8.92
CA SER A 194 0.87 -18.97 -7.98
C SER A 194 0.51 -18.66 -6.53
N THR A 195 0.83 -19.59 -5.63
CA THR A 195 0.49 -19.40 -4.22
C THR A 195 1.43 -18.41 -3.56
N PHE A 196 0.87 -17.55 -2.74
CA PHE A 196 1.63 -16.50 -2.09
C PHE A 196 2.16 -16.82 -0.71
N PHE A 197 3.38 -17.30 -0.61
CA PHE A 197 3.89 -17.59 0.71
C PHE A 197 4.58 -16.36 1.21
N SER A 198 4.07 -15.78 2.29
CA SER A 198 4.67 -14.56 2.75
C SER A 198 4.85 -14.36 4.25
N ILE A 199 5.77 -13.45 4.60
CA ILE A 199 6.08 -13.05 5.99
C ILE A 199 6.74 -11.66 6.09
N SER A 200 7.49 -11.46 7.17
CA SER A 200 8.15 -10.18 7.44
C SER A 200 9.49 -10.33 8.15
N SER A 201 10.07 -9.19 8.53
CA SER A 201 11.33 -9.22 9.26
C SER A 201 11.17 -8.65 10.68
N SER A 202 10.18 -9.18 11.38
CA SER A 202 9.98 -8.81 12.78
C SER A 202 11.02 -9.76 13.37
N ASP A 203 12.18 -9.79 12.70
CA ASP A 203 13.30 -10.69 12.95
C ASP A 203 12.65 -12.04 13.15
N LEU A 204 11.61 -12.26 12.33
CA LEU A 204 10.77 -13.46 12.32
C LEU A 204 10.33 -13.81 13.74
N VAL A 205 9.23 -13.18 14.15
CA VAL A 205 8.65 -13.36 15.49
C VAL A 205 9.70 -13.38 16.59
N SER A 206 10.29 -12.21 16.80
CA SER A 206 11.30 -12.01 17.82
C SER A 206 10.91 -12.72 19.12
N SER A 212 12.57 -20.18 16.19
CA SER A 212 13.56 -19.10 16.04
C SER A 212 14.22 -19.14 14.66
N GLU A 213 14.00 -20.23 13.91
CA GLU A 213 14.61 -20.38 12.57
C GLU A 213 13.89 -21.29 11.56
N LYS A 214 13.66 -22.56 11.92
CA LYS A 214 13.02 -23.57 11.06
C LYS A 214 11.94 -23.04 10.13
N LEU A 215 11.37 -21.90 10.52
CA LEU A 215 10.32 -21.21 9.79
C LEU A 215 10.69 -21.08 8.31
N VAL A 216 11.93 -20.66 8.09
CA VAL A 216 12.48 -20.47 6.77
C VAL A 216 12.61 -21.79 6.03
N LYS A 217 13.06 -22.79 6.77
CA LYS A 217 13.25 -24.12 6.21
C LYS A 217 11.94 -24.64 5.67
N ASN A 218 10.92 -24.64 6.52
CA ASN A 218 9.61 -25.10 6.08
C ASN A 218 9.09 -24.17 4.96
N LEU A 219 9.44 -22.89 5.06
CA LEU A 219 9.02 -21.90 4.06
C LEU A 219 9.36 -22.38 2.68
N PHE A 220 10.63 -22.65 2.45
CA PHE A 220 10.95 -23.11 1.12
C PHE A 220 10.45 -24.50 0.91
N GLN A 221 10.47 -25.31 1.96
CA GLN A 221 10.00 -26.67 1.83
C GLN A 221 8.59 -26.58 1.20
N LEU A 222 7.75 -25.72 1.76
CA LEU A 222 6.40 -25.56 1.24
C LEU A 222 6.40 -25.03 -0.15
N ALA A 223 7.32 -24.09 -0.38
CA ALA A 223 7.47 -23.46 -1.68
C ALA A 223 7.34 -24.45 -2.83
N ARG A 224 8.29 -25.40 -2.88
CA ARG A 224 8.26 -26.40 -3.92
C ARG A 224 7.12 -27.35 -3.65
N GLU A 225 6.81 -27.54 -2.38
CA GLU A 225 5.74 -28.44 -1.99
C GLU A 225 4.42 -28.03 -2.66
N ASN A 226 4.15 -26.73 -2.82
CA ASN A 226 2.91 -26.32 -3.48
C ASN A 226 3.11 -25.43 -4.70
N LYS A 227 4.28 -25.51 -5.35
CA LYS A 227 4.52 -24.69 -6.54
C LYS A 227 3.38 -24.83 -7.55
N PRO A 228 3.09 -23.78 -8.32
CA PRO A 228 3.75 -22.48 -8.39
C PRO A 228 3.71 -21.84 -7.01
N SER A 229 4.47 -20.75 -6.85
CA SER A 229 4.48 -20.03 -5.60
C SER A 229 5.46 -18.88 -5.67
N ILE A 230 5.33 -17.97 -4.71
CA ILE A 230 6.13 -16.76 -4.62
C ILE A 230 6.56 -16.49 -3.19
N ILE A 231 7.82 -16.70 -2.88
CA ILE A 231 8.23 -16.37 -1.55
C ILE A 231 8.36 -14.85 -1.58
N PHE A 232 7.70 -14.17 -0.63
CA PHE A 232 7.76 -12.72 -0.57
C PHE A 232 8.16 -12.20 0.81
N ILE A 233 9.15 -11.31 0.88
CA ILE A 233 9.52 -10.78 2.19
C ILE A 233 9.47 -9.25 2.23
N ASP A 234 8.42 -8.66 2.84
CA ASP A 234 8.42 -7.20 2.93
C ASP A 234 9.35 -7.03 4.13
N GLU A 235 10.21 -6.02 4.07
CA GLU A 235 11.18 -5.80 5.15
C GLU A 235 12.16 -6.95 5.07
N ILE A 236 13.01 -6.89 4.07
CA ILE A 236 13.97 -7.93 3.95
C ILE A 236 15.21 -7.45 4.69
N ASP A 237 15.44 -6.15 4.67
CA ASP A 237 16.56 -5.54 5.38
C ASP A 237 16.58 -6.02 6.82
N SER A 238 17.76 -6.47 7.25
CA SER A 238 17.97 -6.98 8.62
C SER A 238 19.48 -7.10 8.95
N SER A 248 27.10 -5.71 15.37
CA SER A 248 25.96 -6.62 15.57
C SER A 248 26.36 -8.00 16.05
N GLU A 249 25.36 -8.81 16.38
CA GLU A 249 25.59 -10.18 16.82
C GLU A 249 25.15 -11.03 15.63
N ALA A 250 26.14 -11.47 14.86
CA ALA A 250 25.93 -12.29 13.68
C ALA A 250 25.05 -13.51 13.97
N ALA A 251 23.73 -13.32 13.87
CA ALA A 251 22.76 -14.39 14.10
C ALA A 251 22.41 -14.99 12.73
N ARG A 252 23.47 -15.40 12.03
CA ARG A 252 23.37 -16.01 10.73
C ARG A 252 22.84 -17.43 10.78
N ARG A 253 22.14 -17.76 11.86
CA ARG A 253 21.59 -19.11 11.94
C ARG A 253 20.60 -19.13 10.77
N ILE A 254 19.94 -17.98 10.57
CA ILE A 254 18.94 -17.74 9.53
C ILE A 254 19.59 -17.09 8.29
N LYS A 255 20.27 -15.98 8.53
CA LYS A 255 20.94 -15.25 7.49
C LYS A 255 21.59 -16.13 6.42
N THR A 256 22.32 -17.15 6.82
CA THR A 256 22.94 -18.01 5.81
C THR A 256 21.93 -19.01 5.26
N GLU A 257 21.15 -19.62 6.16
CA GLU A 257 20.14 -20.61 5.79
C GLU A 257 19.31 -20.11 4.63
N PHE A 258 19.19 -18.79 4.55
CA PHE A 258 18.46 -18.19 3.48
C PHE A 258 19.24 -18.46 2.19
N LEU A 259 20.36 -17.76 2.00
CA LEU A 259 21.15 -17.92 0.80
C LEU A 259 21.37 -19.37 0.43
N VAL A 260 21.61 -20.20 1.43
CA VAL A 260 21.80 -21.63 1.20
C VAL A 260 20.67 -22.15 0.30
N GLN A 261 19.43 -22.04 0.77
CA GLN A 261 18.26 -22.49 0.01
C GLN A 261 18.08 -21.64 -1.22
N MET A 262 18.39 -20.36 -1.08
CA MET A 262 18.28 -19.45 -2.19
C MET A 262 19.20 -20.04 -3.23
N GLN A 263 20.35 -20.54 -2.78
CA GLN A 263 21.33 -21.15 -3.68
C GLN A 263 20.79 -22.50 -4.17
N GLY A 264 19.89 -23.06 -3.37
CA GLY A 264 19.27 -24.34 -3.69
C GLY A 264 20.34 -25.37 -3.98
N VAL A 265 21.23 -25.58 -3.00
CA VAL A 265 22.33 -26.54 -3.10
C VAL A 265 21.92 -27.83 -3.78
N GLY A 266 20.66 -28.22 -3.56
CA GLY A 266 20.15 -29.43 -4.17
C GLY A 266 18.75 -29.27 -4.72
N VAL A 267 17.76 -29.31 -3.83
CA VAL A 267 16.34 -29.18 -4.20
C VAL A 267 16.04 -28.04 -5.16
N ASP A 268 15.10 -28.29 -6.07
CA ASP A 268 14.71 -27.35 -7.10
C ASP A 268 14.01 -26.04 -6.73
N ASN A 269 14.69 -24.95 -7.02
CA ASN A 269 14.21 -23.60 -6.79
C ASN A 269 13.47 -23.18 -8.04
N ASP A 270 13.36 -24.08 -9.02
CA ASP A 270 12.69 -23.76 -10.27
C ASP A 270 11.16 -23.90 -10.20
N GLY A 271 10.48 -22.88 -10.72
CA GLY A 271 9.03 -22.80 -10.73
C GLY A 271 8.57 -21.89 -9.60
N ILE A 272 9.55 -21.49 -8.77
CA ILE A 272 9.33 -20.65 -7.60
C ILE A 272 10.22 -19.39 -7.59
N LEU A 273 9.56 -18.25 -7.35
CA LEU A 273 10.21 -16.94 -7.28
C LEU A 273 10.28 -16.38 -5.88
N VAL A 274 11.28 -15.55 -5.65
CA VAL A 274 11.43 -14.93 -4.36
C VAL A 274 11.53 -13.42 -4.53
N LEU A 275 10.73 -12.70 -3.76
CA LEU A 275 10.73 -11.25 -3.84
C LEU A 275 11.06 -10.61 -2.54
N GLY A 276 11.79 -9.51 -2.63
CA GLY A 276 12.16 -8.77 -1.46
C GLY A 276 11.62 -7.35 -1.51
N ALA A 277 11.21 -6.87 -0.36
CA ALA A 277 10.69 -5.53 -0.25
C ALA A 277 11.45 -4.81 0.84
N THR A 278 11.94 -3.62 0.49
CA THR A 278 12.69 -2.79 1.43
C THR A 278 12.71 -1.32 1.04
N ASN A 279 12.62 -0.46 2.06
CA ASN A 279 12.66 0.98 1.84
C ASN A 279 14.12 1.48 1.87
N ILE A 280 14.99 0.70 2.49
CA ILE A 280 16.42 0.97 2.60
C ILE A 280 17.17 -0.27 2.11
N PRO A 281 17.67 -0.22 0.89
CA PRO A 281 18.42 -1.27 0.20
C PRO A 281 19.91 -1.25 0.54
N TRP A 282 20.40 -0.05 0.79
CA TRP A 282 21.79 0.14 1.13
C TRP A 282 22.19 -0.53 2.45
N VAL A 283 21.22 -1.06 3.17
CA VAL A 283 21.56 -1.66 4.43
C VAL A 283 21.60 -3.17 4.41
N LEU A 284 21.74 -3.76 3.23
CA LEU A 284 21.78 -5.22 3.16
C LEU A 284 23.15 -5.78 2.81
N ASP A 285 23.47 -6.94 3.39
CA ASP A 285 24.75 -7.63 3.16
C ASP A 285 24.94 -7.93 1.68
N SER A 286 26.15 -7.67 1.18
CA SER A 286 26.48 -7.91 -0.22
C SER A 286 25.93 -9.28 -0.66
N ALA A 287 26.14 -10.31 0.15
CA ALA A 287 25.64 -11.63 -0.17
C ALA A 287 24.16 -11.51 -0.48
N ILE A 288 23.39 -11.28 0.57
CA ILE A 288 21.95 -11.11 0.43
C ILE A 288 21.68 -10.34 -0.87
N ARG A 289 22.14 -9.10 -0.93
CA ARG A 289 21.93 -8.27 -2.11
C ARG A 289 22.30 -8.86 -3.46
N ARG A 290 23.33 -9.69 -3.51
CA ARG A 290 23.72 -10.24 -4.80
C ARG A 290 22.85 -11.41 -5.25
N ARG A 291 21.92 -11.80 -4.39
CA ARG A 291 21.01 -12.90 -4.72
C ARG A 291 19.92 -12.51 -5.73
N PHE A 292 19.38 -11.31 -5.60
CA PHE A 292 18.30 -10.91 -6.47
C PHE A 292 18.63 -10.39 -7.87
N GLU A 293 19.29 -11.22 -8.67
CA GLU A 293 19.64 -10.93 -10.06
C GLU A 293 19.09 -9.57 -10.55
N LYS A 294 17.76 -9.47 -10.60
CA LYS A 294 17.04 -8.26 -11.03
C LYS A 294 16.53 -7.41 -9.85
N ARG A 295 16.71 -6.10 -9.98
CA ARG A 295 16.31 -5.14 -8.98
C ARG A 295 15.35 -4.15 -9.63
N ILE A 296 14.16 -4.00 -9.07
CA ILE A 296 13.23 -3.05 -9.63
C ILE A 296 12.88 -2.02 -8.60
N TYR A 297 13.04 -0.77 -9.00
CA TYR A 297 12.77 0.38 -8.17
C TYR A 297 11.30 0.73 -8.20
N ILE A 298 10.74 0.93 -7.01
CA ILE A 298 9.34 1.27 -6.87
C ILE A 298 9.11 2.75 -6.63
N PRO A 299 9.06 3.57 -7.69
CA PRO A 299 8.85 5.01 -7.56
C PRO A 299 7.60 5.44 -6.83
N LEU A 300 7.44 6.74 -6.71
CA LEU A 300 6.30 7.34 -6.04
C LEU A 300 5.29 7.79 -7.10
N PRO A 301 4.04 7.37 -6.97
CA PRO A 301 2.95 7.73 -7.89
C PRO A 301 2.38 9.11 -7.61
N GLU A 302 2.49 10.05 -8.53
CA GLU A 302 1.91 11.39 -8.29
C GLU A 302 0.84 11.71 -9.31
N ALA A 303 0.63 10.75 -10.19
CA ALA A 303 -0.34 10.92 -11.27
C ALA A 303 -1.80 10.70 -10.91
N HIS A 304 -2.51 10.13 -11.85
CA HIS A 304 -3.91 9.82 -11.71
C HIS A 304 -4.05 8.91 -10.50
N ALA A 305 -3.12 7.99 -10.33
CA ALA A 305 -3.16 7.07 -9.19
C ALA A 305 -3.25 7.84 -7.90
N ARG A 306 -2.36 8.82 -7.75
CA ARG A 306 -2.32 9.67 -6.57
C ARG A 306 -3.77 10.02 -6.30
N ALA A 307 -4.40 10.65 -7.29
CA ALA A 307 -5.79 11.05 -7.17
C ALA A 307 -6.73 9.90 -6.91
N ALA A 308 -6.88 9.04 -7.92
CA ALA A 308 -7.76 7.91 -7.76
C ALA A 308 -7.45 7.24 -6.44
N MET A 309 -6.31 7.56 -5.85
CA MET A 309 -6.04 6.90 -4.59
C MET A 309 -6.90 7.47 -3.49
N PHE A 310 -7.29 8.72 -3.64
CA PHE A 310 -8.14 9.30 -2.64
C PHE A 310 -9.50 8.63 -2.62
N ARG A 311 -10.11 8.42 -3.79
CA ARG A 311 -11.43 7.78 -3.85
C ARG A 311 -11.30 6.47 -3.12
N LEU A 312 -10.23 5.74 -3.42
CA LEU A 312 -10.01 4.48 -2.75
C LEU A 312 -10.04 4.70 -1.26
N HIS A 313 -9.14 5.53 -0.73
CA HIS A 313 -9.18 5.69 0.71
C HIS A 313 -10.41 6.41 1.24
N LEU A 314 -11.32 6.82 0.35
CA LEU A 314 -12.54 7.48 0.81
C LEU A 314 -13.62 6.44 0.98
N GLY A 315 -13.32 5.24 0.46
CA GLY A 315 -14.23 4.11 0.53
C GLY A 315 -15.68 4.46 0.28
N SER A 316 -16.57 3.78 0.99
CA SER A 316 -17.99 4.03 0.84
C SER A 316 -18.45 5.02 1.90
N THR A 317 -17.97 6.26 1.80
CA THR A 317 -18.33 7.31 2.76
C THR A 317 -19.01 8.48 2.05
N GLN A 318 -19.93 9.14 2.75
CA GLN A 318 -20.65 10.28 2.21
C GLN A 318 -19.71 11.47 2.02
N ASN A 319 -19.70 12.05 0.84
CA ASN A 319 -18.81 13.15 0.59
C ASN A 319 -19.40 13.97 -0.54
N SER A 320 -19.10 15.25 -0.55
CA SER A 320 -19.61 16.15 -1.55
C SER A 320 -18.65 16.27 -2.71
N LEU A 321 -17.58 15.49 -2.67
CA LEU A 321 -16.57 15.56 -3.72
C LEU A 321 -17.00 14.96 -5.04
N THR A 322 -16.26 15.31 -6.07
CA THR A 322 -16.58 14.85 -7.41
C THR A 322 -15.32 14.55 -8.17
N GLU A 323 -15.47 13.85 -9.31
CA GLU A 323 -14.32 13.45 -10.12
C GLU A 323 -13.49 14.63 -10.55
N ALA A 324 -14.06 15.83 -10.39
CA ALA A 324 -13.38 17.09 -10.72
C ALA A 324 -12.45 17.36 -9.54
N ASP A 325 -13.01 17.23 -8.35
CA ASP A 325 -12.25 17.48 -7.16
C ASP A 325 -11.30 16.37 -6.85
N PHE A 326 -11.46 15.21 -7.47
CA PHE A 326 -10.55 14.09 -7.17
C PHE A 326 -9.25 14.09 -7.92
N GLN A 327 -9.27 14.55 -9.16
CA GLN A 327 -8.04 14.58 -9.92
C GLN A 327 -7.34 15.85 -9.49
N GLU A 328 -8.16 16.76 -8.99
CA GLU A 328 -7.68 18.04 -8.50
C GLU A 328 -6.71 17.78 -7.32
N LEU A 329 -7.12 16.98 -6.34
CA LEU A 329 -6.25 16.68 -5.23
C LEU A 329 -5.06 15.99 -5.83
N GLY A 330 -5.30 15.11 -6.79
CA GLY A 330 -4.22 14.39 -7.43
C GLY A 330 -3.12 15.34 -7.86
N ARG A 331 -3.48 16.22 -8.79
CA ARG A 331 -2.54 17.21 -9.31
C ARG A 331 -2.06 18.13 -8.21
N LYS A 332 -2.85 18.23 -7.13
CA LYS A 332 -2.47 19.10 -6.04
C LYS A 332 -1.34 18.48 -5.27
N THR A 333 -0.15 18.79 -5.77
CA THR A 333 1.12 18.34 -5.23
C THR A 333 1.39 16.85 -5.41
N ASP A 334 2.55 16.44 -4.93
CA ASP A 334 3.00 15.09 -5.10
C ASP A 334 4.05 14.92 -4.08
N GLY A 335 4.90 13.92 -4.28
CA GLY A 335 5.93 13.66 -3.33
C GLY A 335 5.23 12.94 -2.20
N TYR A 336 3.94 12.71 -2.43
CA TYR A 336 3.13 12.02 -1.46
C TYR A 336 2.99 10.56 -1.90
N SER A 337 2.79 9.70 -0.90
CA SER A 337 2.68 8.26 -1.10
C SER A 337 1.30 7.74 -0.71
N GLY A 338 1.10 6.45 -0.97
CA GLY A 338 -0.15 5.83 -0.61
C GLY A 338 -0.40 6.04 0.88
N ALA A 339 0.65 5.90 1.70
CA ALA A 339 0.50 6.11 3.13
C ALA A 339 0.06 7.54 3.31
N ASP A 340 1.00 8.44 3.06
CA ASP A 340 0.76 9.85 3.15
C ASP A 340 -0.69 10.11 2.80
N ILE A 341 -1.01 10.04 1.51
CA ILE A 341 -2.38 10.27 1.10
C ILE A 341 -3.39 9.64 2.03
N SER A 342 -3.15 8.39 2.41
CA SER A 342 -4.10 7.73 3.27
C SER A 342 -4.30 8.49 4.56
N ILE A 343 -3.21 8.95 5.16
CA ILE A 343 -3.35 9.64 6.43
C ILE A 343 -4.20 10.88 6.38
N ILE A 344 -4.14 11.59 5.26
CA ILE A 344 -4.92 12.80 5.10
C ILE A 344 -6.38 12.41 5.00
N VAL A 345 -6.67 11.50 4.08
CA VAL A 345 -8.02 11.02 3.90
C VAL A 345 -8.60 10.59 5.23
N ARG A 346 -7.69 10.18 6.12
CA ARG A 346 -8.03 9.71 7.47
C ARG A 346 -8.46 10.85 8.37
N ASP A 347 -7.78 11.99 8.23
CA ASP A 347 -8.11 13.14 9.03
C ASP A 347 -9.33 13.80 8.41
N ALA A 348 -9.42 13.75 7.08
CA ALA A 348 -10.54 14.37 6.39
C ALA A 348 -11.89 13.65 6.64
N LEU A 349 -11.84 12.46 7.21
CA LEU A 349 -13.07 11.71 7.50
C LEU A 349 -13.64 12.06 8.84
N MET A 350 -12.79 12.37 9.80
CA MET A 350 -13.31 12.70 11.12
C MET A 350 -13.80 14.10 11.12
N GLN A 351 -13.25 14.90 10.23
CA GLN A 351 -13.66 16.28 10.17
C GLN A 351 -15.12 16.35 10.55
N PRO A 352 -16.01 15.78 9.73
CA PRO A 352 -17.44 15.83 10.06
C PRO A 352 -17.81 15.62 11.54
N VAL A 353 -17.15 14.67 12.20
CA VAL A 353 -17.43 14.34 13.62
C VAL A 353 -17.10 15.37 14.67
N ARG A 354 -15.92 15.97 14.54
CA ARG A 354 -15.52 16.95 15.50
C ARG A 354 -16.45 18.13 15.35
N LYS A 355 -16.88 18.41 14.11
CA LYS A 355 -17.81 19.51 13.86
C LYS A 355 -18.97 19.31 14.81
N VAL A 356 -19.53 18.11 14.75
CA VAL A 356 -20.67 17.74 15.55
C VAL A 356 -20.42 17.63 17.04
N GLN A 357 -19.26 17.15 17.44
CA GLN A 357 -18.98 17.02 18.86
C GLN A 357 -18.67 18.40 19.38
N SER A 358 -17.82 19.13 18.67
CA SER A 358 -17.46 20.47 19.07
C SER A 358 -18.10 21.47 18.10
N ALA A 359 -19.42 21.64 18.23
CA ALA A 359 -20.18 22.58 17.42
C ALA A 359 -20.76 23.58 18.40
N THR A 360 -20.86 24.83 17.96
CA THR A 360 -21.39 25.93 18.79
C THR A 360 -22.95 25.99 18.83
N HIS A 361 -23.56 25.92 17.64
CA HIS A 361 -25.01 25.98 17.49
C HIS A 361 -25.49 25.07 16.39
N PHE A 362 -26.79 24.81 16.38
CA PHE A 362 -27.42 23.98 15.34
C PHE A 362 -28.63 24.68 14.80
N LYS A 363 -28.94 24.39 13.55
CA LYS A 363 -30.07 25.02 12.92
C LYS A 363 -31.06 23.98 12.39
N LYS A 364 -32.28 24.04 12.92
CA LYS A 364 -33.34 23.11 12.53
C LYS A 364 -33.56 23.12 11.02
N VAL A 365 -33.82 21.96 10.43
CA VAL A 365 -34.07 21.84 8.98
C VAL A 365 -35.19 20.85 8.69
N ARG A 366 -35.46 20.62 7.42
CA ARG A 366 -36.51 19.69 7.00
C ARG A 366 -35.91 18.45 6.33
N GLY A 367 -36.63 17.34 6.39
CA GLY A 367 -36.15 16.12 5.77
C GLY A 367 -36.51 14.88 6.56
N PRO A 368 -36.44 13.70 5.91
CA PRO A 368 -36.77 12.45 6.59
C PRO A 368 -36.01 12.34 7.91
N SER A 369 -36.66 11.81 8.94
CA SER A 369 -35.99 11.66 10.23
C SER A 369 -35.04 10.54 10.01
N ARG A 370 -33.81 10.74 10.46
CA ARG A 370 -32.79 9.72 10.31
C ARG A 370 -33.32 8.36 10.77
N ALA A 371 -34.20 8.35 11.76
CA ALA A 371 -34.75 7.09 12.26
C ALA A 371 -35.78 6.49 11.33
N ASP A 372 -36.35 7.32 10.48
CA ASP A 372 -37.35 6.82 9.57
C ASP A 372 -37.38 7.66 8.33
N PRO A 373 -36.89 7.11 7.22
CA PRO A 373 -36.87 7.86 5.96
C PRO A 373 -38.29 8.23 5.52
N ASN A 374 -39.28 7.47 5.97
CA ASN A 374 -40.68 7.71 5.62
C ASN A 374 -41.27 8.85 6.42
N CYS A 375 -40.80 9.01 7.65
CA CYS A 375 -41.32 10.08 8.51
C CYS A 375 -40.62 11.39 8.27
N ILE A 376 -41.04 12.15 7.28
CA ILE A 376 -40.43 13.44 7.04
C ILE A 376 -40.71 14.32 8.25
N VAL A 377 -39.89 15.33 8.49
CA VAL A 377 -40.12 16.23 9.63
C VAL A 377 -39.61 17.63 9.32
N ASN A 378 -39.35 18.39 10.37
CA ASN A 378 -38.80 19.73 10.21
C ASN A 378 -38.13 20.16 11.51
N ASP A 379 -37.55 19.16 12.18
CA ASP A 379 -36.83 19.32 13.45
C ASP A 379 -35.39 18.72 13.49
N LEU A 380 -34.87 18.33 12.33
CA LEU A 380 -33.53 17.80 12.22
C LEU A 380 -32.61 18.96 12.46
N LEU A 381 -31.67 18.81 13.38
CA LEU A 381 -30.72 19.90 13.64
C LEU A 381 -29.33 19.57 13.15
N THR A 382 -28.84 20.34 12.20
CA THR A 382 -27.50 20.12 11.75
C THR A 382 -26.74 21.26 12.46
N PRO A 383 -25.40 21.21 12.53
CA PRO A 383 -24.63 22.26 13.20
C PRO A 383 -24.36 23.48 12.33
N CYS A 384 -24.35 24.65 12.97
CA CYS A 384 -24.17 25.92 12.30
C CYS A 384 -23.30 26.94 13.04
N SER A 385 -22.81 27.94 12.31
CA SER A 385 -21.95 28.95 12.88
C SER A 385 -22.68 29.84 13.88
N PRO A 386 -21.93 30.44 14.83
CA PRO A 386 -22.46 31.33 15.87
C PRO A 386 -23.72 32.11 15.51
N GLY A 387 -23.54 33.19 14.74
CA GLY A 387 -24.64 34.02 14.31
C GLY A 387 -24.98 33.67 12.88
N ASP A 388 -25.98 32.80 12.75
CA ASP A 388 -26.43 32.28 11.47
C ASP A 388 -27.94 32.35 11.36
N PRO A 389 -28.47 32.03 10.17
CA PRO A 389 -29.89 32.02 9.80
C PRO A 389 -30.86 31.37 10.79
N GLY A 390 -30.32 30.72 11.82
CA GLY A 390 -31.20 30.09 12.80
C GLY A 390 -30.40 29.32 13.82
N ALA A 391 -29.56 30.03 14.55
CA ALA A 391 -28.74 29.35 15.54
C ALA A 391 -29.23 29.42 16.96
N ILE A 392 -28.88 28.37 17.69
CA ILE A 392 -29.23 28.24 19.08
C ILE A 392 -28.16 27.48 19.84
N GLU A 393 -27.78 28.05 20.98
CA GLU A 393 -26.76 27.49 21.85
C GLU A 393 -27.08 26.03 22.08
N MET A 394 -26.35 25.15 21.40
CA MET A 394 -26.57 23.73 21.53
C MET A 394 -25.30 22.89 21.54
N THR A 395 -25.51 21.58 21.69
CA THR A 395 -24.49 20.54 21.71
C THR A 395 -25.20 19.21 21.49
N TRP A 396 -24.51 18.28 20.81
CA TRP A 396 -25.05 16.95 20.50
C TRP A 396 -25.74 16.30 21.70
N MET A 397 -25.27 16.64 22.90
CA MET A 397 -25.82 16.11 24.13
C MET A 397 -27.30 16.50 24.24
N ASP A 398 -27.73 17.45 23.41
CA ASP A 398 -29.13 17.88 23.41
C ASP A 398 -29.85 17.40 22.14
N VAL A 399 -29.10 17.35 21.03
CA VAL A 399 -29.61 16.89 19.73
C VAL A 399 -29.98 15.40 19.76
N PRO A 400 -31.21 15.06 19.35
CA PRO A 400 -31.77 13.70 19.30
C PRO A 400 -31.15 12.76 18.26
N GLY A 401 -30.87 11.54 18.70
CA GLY A 401 -30.27 10.56 17.82
C GLY A 401 -30.82 10.68 16.43
N ASP A 402 -32.14 10.65 16.32
CA ASP A 402 -32.82 10.73 15.02
C ASP A 402 -32.99 12.16 14.50
N LYS A 403 -33.05 13.12 15.40
CA LYS A 403 -33.24 14.50 14.99
C LYS A 403 -31.97 15.19 14.54
N LEU A 404 -30.89 14.41 14.38
CA LEU A 404 -29.63 14.97 13.94
C LEU A 404 -29.30 14.75 12.47
N LEU A 405 -28.95 15.84 11.78
CA LEU A 405 -28.57 15.79 10.36
C LEU A 405 -27.07 15.91 10.26
N GLU A 406 -26.40 14.76 10.15
CA GLU A 406 -24.95 14.67 10.08
C GLU A 406 -24.32 15.14 8.78
N PRO A 407 -23.28 16.00 8.86
CA PRO A 407 -22.55 16.56 7.72
C PRO A 407 -21.68 15.52 7.04
N VAL A 408 -21.31 15.74 5.79
CA VAL A 408 -20.47 14.73 5.13
C VAL A 408 -19.15 15.34 4.77
N VAL A 409 -18.17 14.50 4.52
CA VAL A 409 -16.88 15.03 4.17
C VAL A 409 -16.98 15.85 2.91
N SER A 410 -16.56 17.09 3.04
CA SER A 410 -16.59 18.03 1.93
C SER A 410 -15.22 18.12 1.28
N MET A 411 -15.12 19.06 0.36
CA MET A 411 -13.89 19.29 -0.36
C MET A 411 -12.95 20.14 0.49
N TRP A 412 -13.46 21.17 1.19
CA TRP A 412 -12.60 22.01 2.07
C TRP A 412 -11.99 21.04 3.07
N ASP A 413 -12.87 20.19 3.63
CA ASP A 413 -12.49 19.17 4.60
C ASP A 413 -11.27 18.49 4.03
N MET A 414 -11.46 17.86 2.88
CA MET A 414 -10.38 17.19 2.25
C MET A 414 -9.21 18.17 2.25
N LEU A 415 -9.24 19.16 1.38
CA LEU A 415 -8.16 20.15 1.28
C LEU A 415 -7.46 20.53 2.58
N ARG A 416 -8.20 21.15 3.49
CA ARG A 416 -7.67 21.58 4.80
C ARG A 416 -6.77 20.50 5.46
N SER A 417 -7.25 19.26 5.49
CA SER A 417 -6.55 18.11 6.04
C SER A 417 -5.22 17.94 5.35
N LEU A 418 -5.16 18.43 4.13
CA LEU A 418 -3.94 18.32 3.39
C LEU A 418 -3.05 19.50 3.79
N SER A 419 -3.61 20.70 3.67
CA SER A 419 -2.93 21.94 4.00
C SER A 419 -2.33 21.91 5.40
N SER A 420 -2.05 20.73 5.91
CA SER A 420 -1.49 20.64 7.24
C SER A 420 -0.68 19.35 7.32
N THR A 421 -0.02 19.08 6.19
CA THR A 421 0.78 17.88 6.03
C THR A 421 1.92 18.06 5.08
N LYS A 422 3.00 17.33 5.37
CA LYS A 422 4.23 17.31 4.57
C LYS A 422 4.55 15.90 4.05
N PRO A 423 5.13 15.80 2.85
CA PRO A 423 5.47 14.50 2.28
C PRO A 423 6.61 13.88 3.10
N THR A 424 6.37 12.67 3.59
CA THR A 424 7.35 11.93 4.41
C THR A 424 8.57 11.52 3.60
N VAL A 425 8.65 12.03 2.38
CA VAL A 425 9.77 11.71 1.52
C VAL A 425 10.30 12.95 0.87
N ASN A 426 11.56 13.26 1.16
CA ASN A 426 12.19 14.43 0.59
C ASN A 426 13.14 14.04 -0.52
N GLU A 427 13.75 15.02 -1.16
CA GLU A 427 14.68 14.74 -2.25
C GLU A 427 15.98 14.09 -1.70
N GLN A 428 16.53 14.63 -0.61
CA GLN A 428 17.75 14.05 -0.03
C GLN A 428 17.41 12.62 0.32
N ASP A 429 16.25 12.49 0.95
CA ASP A 429 15.74 11.20 1.36
C ASP A 429 15.78 10.25 0.18
N LEU A 430 15.13 10.67 -0.91
CA LEU A 430 15.06 9.86 -2.10
C LEU A 430 16.43 9.70 -2.77
N LEU A 431 17.31 10.68 -2.59
CA LEU A 431 18.64 10.57 -3.18
C LEU A 431 19.41 9.42 -2.54
N LYS A 432 19.23 9.22 -1.24
CA LYS A 432 19.94 8.16 -0.53
C LYS A 432 19.79 6.80 -1.22
N LEU A 433 18.80 6.68 -2.11
CA LEU A 433 18.58 5.43 -2.84
C LEU A 433 19.44 5.43 -4.08
N LYS A 434 19.31 6.51 -4.85
CA LYS A 434 20.07 6.69 -6.07
C LYS A 434 21.44 6.04 -5.96
N LYS A 435 22.04 6.14 -4.78
CA LYS A 435 23.35 5.56 -4.53
C LYS A 435 23.39 4.18 -5.18
N PHE A 436 22.53 3.30 -4.69
CA PHE A 436 22.42 1.93 -5.16
C PHE A 436 22.73 1.73 -6.66
N THR A 437 21.81 2.16 -7.52
CA THR A 437 21.97 2.05 -8.97
C THR A 437 23.43 2.16 -9.38
N GLU A 438 23.98 3.35 -9.20
CA GLU A 438 25.35 3.61 -9.54
C GLU A 438 26.30 2.51 -9.09
N ASP A 439 26.49 2.36 -7.78
CA ASP A 439 27.43 1.34 -7.31
C ASP A 439 26.91 -0.07 -7.14
N PHE A 440 25.82 -0.40 -7.79
CA PHE A 440 25.32 -1.75 -7.64
C PHE A 440 24.54 -2.22 -8.87
N GLY A 441 23.28 -1.82 -8.96
CA GLY A 441 22.45 -2.22 -10.08
C GLY A 441 22.11 -3.69 -10.01
N GLN A 442 22.53 -4.44 -11.02
CA GLN A 442 22.27 -5.88 -11.05
C GLN A 442 23.44 -6.57 -10.33
N GLU A 443 23.99 -5.90 -9.32
CA GLU A 443 25.10 -6.42 -8.54
C GLU A 443 26.19 -6.92 -9.45
N GLY A 444 27.02 -5.98 -9.87
CA GLY A 444 28.14 -6.27 -10.77
C GLY A 444 28.43 -5.10 -11.70
#